data_3HTM
#
_entry.id   3HTM
#
_cell.length_a   36.800
_cell.length_b   88.700
_cell.length_c   88.700
_cell.angle_alpha   90.80
_cell.angle_beta   89.30
_cell.angle_gamma   89.90
#
_symmetry.space_group_name_H-M   'P 1'
#
loop_
_entity.id
_entity.type
_entity.pdbx_description
1 polymer 'Speckle-type POZ protein'
2 water water
#
_entity_poly.entity_id   1
_entity_poly.type   'polypeptide(L)'
_entity_poly.pdbx_seq_one_letter_code
;GSGGSGGQNT(MSE)N(MSE)VKVPECRLADELGGLWENSRFTDCCLCVAGQEFQAHKAILAARSPVFSA(MSE)FEHE
(MSE)EESKKNRVEINDVEPEVFKE(MSE)(MSE)CFIYTGKAPNLDK(MSE)ADDLLAAADKYALERLKV(MSE)CEDA
LCSNLSVENAAEILILADLHSADQLKTQAVDFINYHATDVLETSG
;
_entity_poly.pdbx_strand_id   A,B,C,D
#
# COMPACT_ATOMS: atom_id res chain seq x y z
N ASN A 12 20.10 6.70 10.16
CA ASN A 12 20.37 6.00 8.88
C ASN A 12 19.29 4.96 8.58
N VAL A 14 16.09 5.88 7.35
CA VAL A 14 15.34 6.29 6.17
C VAL A 14 16.23 6.24 4.93
N LYS A 15 15.70 5.66 3.86
CA LYS A 15 16.43 5.56 2.60
C LYS A 15 16.12 6.74 1.70
N VAL A 16 17.09 7.62 1.54
CA VAL A 16 16.94 8.80 0.69
C VAL A 16 17.38 8.51 -0.74
N PRO A 17 16.51 8.80 -1.72
CA PRO A 17 16.84 8.56 -3.12
C PRO A 17 17.98 9.43 -3.64
N GLU A 18 18.59 8.96 -4.73
CA GLU A 18 19.68 9.65 -5.37
C GLU A 18 19.22 10.97 -6.00
N CYS A 19 20.10 11.97 -5.99
CA CYS A 19 19.76 13.27 -6.57
C CYS A 19 19.36 13.10 -8.04
N ARG A 20 18.30 13.76 -8.46
CA ARG A 20 17.86 13.60 -9.83
C ARG A 20 17.72 14.91 -10.61
N LEU A 21 18.49 15.92 -10.23
CA LEU A 21 18.44 17.21 -10.89
C LEU A 21 18.85 17.10 -12.36
N ALA A 22 19.93 16.35 -12.62
CA ALA A 22 20.43 16.18 -13.99
C ALA A 22 19.45 15.44 -14.89
N ASP A 23 18.89 14.34 -14.40
CA ASP A 23 17.94 13.59 -15.21
C ASP A 23 16.74 14.45 -15.56
N GLU A 24 16.24 15.21 -14.59
CA GLU A 24 15.07 16.05 -14.84
C GLU A 24 15.32 17.23 -15.75
N LEU A 25 16.53 17.78 -15.71
CA LEU A 25 16.86 18.90 -16.58
C LEU A 25 17.04 18.35 -18.00
N GLY A 26 17.50 17.11 -18.08
CA GLY A 26 17.66 16.47 -19.37
C GLY A 26 16.28 16.28 -19.98
N GLY A 27 15.31 15.92 -19.13
CA GLY A 27 13.95 15.73 -19.58
C GLY A 27 13.44 17.05 -20.14
N LEU A 28 13.78 18.13 -19.46
CA LEU A 28 13.38 19.47 -19.88
C LEU A 28 13.85 19.79 -21.31
N TRP A 29 15.10 19.46 -21.61
CA TRP A 29 15.68 19.68 -22.94
C TRP A 29 15.09 18.74 -24.00
N GLU A 30 14.91 17.47 -23.65
CA GLU A 30 14.34 16.50 -24.58
C GLU A 30 12.87 16.81 -24.89
N ASN A 31 12.13 17.27 -23.88
CA ASN A 31 10.71 17.57 -24.09
C ASN A 31 10.42 18.97 -24.61
N SER A 32 11.42 19.85 -24.54
CA SER A 32 11.30 21.22 -25.03
C SER A 32 10.04 21.91 -24.57
N ARG A 33 9.88 22.08 -23.26
CA ARG A 33 8.69 22.74 -22.80
C ARG A 33 9.07 24.12 -22.29
N PHE A 34 8.19 25.08 -22.51
CA PHE A 34 8.41 26.44 -22.07
C PHE A 34 9.75 27.01 -22.57
N THR A 35 10.10 26.67 -23.79
CA THR A 35 11.33 27.15 -24.41
C THR A 35 11.12 28.61 -24.84
N ASP A 36 12.17 29.40 -24.88
CA ASP A 36 12.01 30.80 -25.25
C ASP A 36 12.98 31.26 -26.31
N CYS A 37 13.67 30.32 -26.94
CA CYS A 37 14.59 30.68 -28.01
C CYS A 37 14.80 29.53 -28.97
N CYS A 38 15.30 29.88 -30.14
CA CYS A 38 15.53 28.90 -31.19
C CYS A 38 16.96 28.97 -31.67
N LEU A 39 17.63 27.83 -31.68
CA LEU A 39 18.99 27.78 -32.17
C LEU A 39 18.92 27.09 -33.52
N CYS A 40 19.39 27.76 -34.56
CA CYS A 40 19.38 27.19 -35.91
C CYS A 40 20.78 26.73 -36.25
N VAL A 41 20.93 25.42 -36.44
CA VAL A 41 22.21 24.82 -36.74
C VAL A 41 22.14 24.13 -38.10
N ALA A 42 22.83 24.71 -39.08
CA ALA A 42 22.85 24.18 -40.44
C ALA A 42 21.45 23.85 -40.96
N GLY A 43 20.55 24.80 -40.84
CA GLY A 43 19.20 24.60 -41.33
C GLY A 43 18.27 23.86 -40.38
N GLN A 44 18.79 23.36 -39.28
CA GLN A 44 17.96 22.64 -38.32
C GLN A 44 17.64 23.52 -37.12
N GLU A 45 16.38 23.49 -36.67
CA GLU A 45 15.95 24.30 -35.54
C GLU A 45 15.76 23.55 -34.23
N PHE A 46 16.33 24.10 -33.15
CA PHE A 46 16.22 23.49 -31.84
C PHE A 46 15.67 24.53 -30.87
N GLN A 47 14.69 24.13 -30.06
CA GLN A 47 14.13 25.04 -29.08
C GLN A 47 14.94 24.81 -27.82
N ALA A 48 15.20 25.87 -27.08
CA ALA A 48 15.98 25.79 -25.85
C ALA A 48 15.53 26.86 -24.88
N HIS A 49 16.23 26.98 -23.77
CA HIS A 49 15.89 27.94 -22.73
C HIS A 49 17.06 28.88 -22.45
N LYS A 50 16.85 30.17 -22.68
CA LYS A 50 17.88 31.18 -22.47
C LYS A 50 18.54 31.14 -21.09
N ALA A 51 17.71 31.06 -20.06
CA ALA A 51 18.20 31.05 -18.68
C ALA A 51 19.23 29.97 -18.44
N ILE A 52 18.92 28.76 -18.86
CA ILE A 52 19.83 27.66 -18.66
C ILE A 52 21.11 27.83 -19.47
N LEU A 53 20.99 28.12 -20.77
CA LEU A 53 22.19 28.32 -21.60
C LEU A 53 23.05 29.47 -21.06
N ALA A 54 22.40 30.53 -20.59
CA ALA A 54 23.13 31.67 -20.06
C ALA A 54 23.85 31.36 -18.75
N ALA A 55 23.20 30.59 -17.88
CA ALA A 55 23.78 30.23 -16.59
C ALA A 55 24.89 29.22 -16.75
N ARG A 56 24.96 28.65 -17.93
CA ARG A 56 25.88 27.58 -18.23
C ARG A 56 27.02 27.97 -19.18
N SER A 57 26.80 28.97 -20.01
CA SER A 57 27.83 29.41 -20.95
C SER A 57 27.98 30.91 -20.95
N PRO A 58 29.19 31.40 -20.67
CA PRO A 58 29.46 32.84 -20.65
C PRO A 58 29.22 33.46 -22.02
N VAL A 59 29.41 32.66 -23.07
CA VAL A 59 29.20 33.13 -24.44
C VAL A 59 27.70 33.33 -24.69
N PHE A 60 26.91 32.29 -24.43
CA PHE A 60 25.47 32.37 -24.60
C PHE A 60 24.94 33.47 -23.69
N SER A 61 25.48 33.53 -22.47
CA SER A 61 25.08 34.54 -21.51
C SER A 61 25.22 35.94 -22.11
N ALA A 62 26.42 36.22 -22.63
CA ALA A 62 26.72 37.52 -23.23
C ALA A 62 25.87 37.78 -24.46
N PHE A 64 22.79 36.57 -25.21
CA PHE A 64 21.41 36.86 -24.84
C PHE A 64 21.29 38.12 -24.00
N GLU A 65 22.36 38.47 -23.32
CA GLU A 65 22.35 39.65 -22.47
C GLU A 65 22.56 40.95 -23.24
N HIS A 66 23.31 40.91 -24.34
CA HIS A 66 23.58 42.13 -25.09
C HIS A 66 23.25 42.05 -26.58
N GLU A 67 22.06 41.54 -26.91
CA GLU A 67 21.64 41.40 -28.29
C GLU A 67 20.58 42.40 -28.78
N GLU A 69 18.71 44.36 -32.12
CA GLU A 69 18.01 43.73 -33.24
C GLU A 69 16.95 42.65 -32.96
N GLU A 70 15.77 43.03 -32.50
CA GLU A 70 14.80 42.00 -32.17
C GLU A 70 14.60 41.18 -33.43
N SER A 71 14.94 41.78 -34.56
CA SER A 71 14.84 41.11 -35.86
C SER A 71 15.27 39.65 -35.75
N LYS A 72 16.18 39.36 -34.83
CA LYS A 72 16.67 38.01 -34.61
C LYS A 72 15.56 37.15 -33.99
N LYS A 73 14.74 37.79 -33.15
CA LYS A 73 13.63 37.13 -32.47
C LYS A 73 14.08 35.89 -31.69
N ASN A 74 15.04 36.05 -30.80
CA ASN A 74 15.50 34.92 -30.02
C ASN A 74 15.95 33.78 -30.93
N ARG A 75 16.29 34.13 -32.17
CA ARG A 75 16.74 33.14 -33.13
C ARG A 75 18.26 33.30 -33.29
N VAL A 76 18.99 32.38 -32.67
CA VAL A 76 20.45 32.39 -32.71
C VAL A 76 20.93 31.40 -33.75
N GLU A 77 21.66 31.87 -34.76
CA GLU A 77 22.14 30.94 -35.77
C GLU A 77 23.59 30.57 -35.55
N ILE A 78 23.82 29.28 -35.38
CA ILE A 78 25.14 28.72 -35.14
C ILE A 78 25.66 28.15 -36.45
N ASN A 79 26.79 28.69 -36.92
CA ASN A 79 27.36 28.27 -38.19
C ASN A 79 28.59 27.39 -38.08
N ASP A 80 29.27 27.46 -36.93
CA ASP A 80 30.49 26.71 -36.73
C ASP A 80 30.40 25.36 -36.02
N VAL A 81 29.23 24.74 -36.00
CA VAL A 81 29.11 23.45 -35.32
C VAL A 81 28.16 22.49 -36.02
N GLU A 82 28.60 21.26 -36.20
CA GLU A 82 27.78 20.24 -36.84
C GLU A 82 26.65 19.88 -35.87
N PRO A 83 25.44 19.65 -36.39
CA PRO A 83 24.26 19.29 -35.59
C PRO A 83 24.47 18.19 -34.54
N GLU A 84 25.17 17.12 -34.88
CA GLU A 84 25.38 16.05 -33.90
C GLU A 84 26.25 16.51 -32.74
N VAL A 85 27.25 17.34 -33.05
CA VAL A 85 28.14 17.85 -32.02
C VAL A 85 27.35 18.84 -31.18
N PHE A 86 26.56 19.69 -31.85
CA PHE A 86 25.73 20.67 -31.17
C PHE A 86 24.86 19.96 -30.11
N LYS A 87 24.18 18.88 -30.49
CA LYS A 87 23.34 18.15 -29.54
C LYS A 87 24.08 17.62 -28.33
N GLU A 88 25.31 17.15 -28.52
CA GLU A 88 26.08 16.65 -27.40
C GLU A 88 26.40 17.84 -26.47
N CYS A 91 23.34 18.64 -24.53
CA CYS A 91 23.16 17.61 -23.51
C CYS A 91 24.03 17.98 -22.31
N PHE A 92 25.25 18.41 -22.60
CA PHE A 92 26.16 18.77 -21.51
C PHE A 92 25.66 19.99 -20.73
N ILE A 93 25.13 20.97 -21.45
CA ILE A 93 24.63 22.18 -20.81
C ILE A 93 23.48 21.91 -19.85
N TYR A 94 22.58 21.02 -20.24
CA TYR A 94 21.44 20.72 -19.38
C TYR A 94 21.71 19.68 -18.27
N THR A 95 22.69 18.82 -18.46
CA THR A 95 22.91 17.76 -17.49
C THR A 95 24.32 17.56 -16.98
N GLY A 96 25.31 18.17 -17.63
CA GLY A 96 26.68 18.00 -17.19
C GLY A 96 27.30 16.69 -17.70
N LYS A 97 26.59 16.02 -18.60
CA LYS A 97 27.07 14.77 -19.16
C LYS A 97 27.23 14.85 -20.68
N ALA A 98 28.03 13.95 -21.23
CA ALA A 98 28.27 13.87 -22.68
C ALA A 98 28.52 12.39 -23.02
N PRO A 99 27.44 11.59 -23.03
CA PRO A 99 27.46 10.16 -23.32
C PRO A 99 28.23 9.77 -24.59
N ASN A 100 28.13 10.58 -25.63
CA ASN A 100 28.79 10.27 -26.89
C ASN A 100 30.07 11.05 -27.15
N LEU A 101 30.71 11.54 -26.09
CA LEU A 101 31.94 12.30 -26.22
C LEU A 101 33.08 11.56 -26.93
N ASP A 102 33.24 10.28 -26.60
CA ASP A 102 34.32 9.46 -27.17
C ASP A 102 34.49 9.49 -28.69
N LYS A 103 33.39 9.49 -29.43
CA LYS A 103 33.48 9.48 -30.88
C LYS A 103 33.56 10.84 -31.56
N ALA A 105 35.40 13.63 -29.62
CA ALA A 105 36.23 14.39 -28.69
C ALA A 105 36.89 15.64 -29.27
N ASP A 106 37.43 15.53 -30.49
CA ASP A 106 38.09 16.67 -31.09
C ASP A 106 37.13 17.78 -31.54
N ASP A 107 36.01 17.39 -32.15
CA ASP A 107 35.03 18.39 -32.58
C ASP A 107 34.31 18.99 -31.39
N LEU A 108 34.10 18.18 -30.36
CA LEU A 108 33.42 18.65 -29.16
C LEU A 108 34.31 19.62 -28.40
N LEU A 109 35.62 19.37 -28.46
CA LEU A 109 36.59 20.24 -27.79
C LEU A 109 36.49 21.63 -28.41
N ALA A 110 36.47 21.68 -29.74
CA ALA A 110 36.36 22.94 -30.43
C ALA A 110 35.03 23.66 -30.10
N ALA A 111 33.95 22.90 -29.97
CA ALA A 111 32.66 23.50 -29.67
C ALA A 111 32.63 24.00 -28.23
N ALA A 112 33.16 23.18 -27.33
CA ALA A 112 33.22 23.55 -25.91
C ALA A 112 34.09 24.79 -25.73
N ASP A 113 35.16 24.88 -26.52
CA ASP A 113 36.07 26.03 -26.46
C ASP A 113 35.33 27.27 -26.97
N LYS A 114 34.71 27.15 -28.13
CA LYS A 114 33.96 28.24 -28.74
C LYS A 114 32.84 28.78 -27.82
N TYR A 115 32.18 27.88 -27.08
CA TYR A 115 31.10 28.33 -26.19
C TYR A 115 31.47 28.38 -24.73
N ALA A 116 32.78 28.41 -24.48
CA ALA A 116 33.34 28.51 -23.14
C ALA A 116 32.80 27.52 -22.10
N LEU A 117 32.65 26.26 -22.50
CA LEU A 117 32.17 25.22 -21.57
C LEU A 117 33.41 24.49 -21.02
N GLU A 118 34.06 25.16 -20.07
CA GLU A 118 35.28 24.69 -19.44
C GLU A 118 35.36 23.21 -19.05
N ARG A 119 34.39 22.72 -18.28
CA ARG A 119 34.44 21.33 -17.87
C ARG A 119 34.31 20.34 -19.04
N LEU A 120 33.48 20.67 -20.02
CA LEU A 120 33.29 19.81 -21.17
C LEU A 120 34.59 19.80 -21.97
N LYS A 121 35.23 20.95 -22.01
CA LYS A 121 36.50 21.13 -22.70
C LYS A 121 37.55 20.18 -22.09
N VAL A 122 37.67 20.22 -20.76
CA VAL A 122 38.62 19.37 -20.06
C VAL A 122 38.23 17.89 -20.21
N CYS A 124 36.92 16.54 -22.77
CA CYS A 124 37.36 16.16 -24.09
C CYS A 124 38.86 15.97 -24.07
N GLU A 125 39.55 16.88 -23.38
CA GLU A 125 41.00 16.82 -23.27
C GLU A 125 41.38 15.47 -22.68
N ASP A 126 40.65 15.08 -21.64
CA ASP A 126 40.88 13.81 -20.96
C ASP A 126 40.77 12.63 -21.95
N ALA A 127 39.74 12.65 -22.78
CA ALA A 127 39.50 11.58 -23.76
C ALA A 127 40.57 11.56 -24.87
N LEU A 128 40.92 12.73 -25.38
CA LEU A 128 41.93 12.81 -26.43
C LEU A 128 43.27 12.35 -25.87
N CYS A 129 43.61 12.84 -24.68
CA CYS A 129 44.86 12.48 -24.04
C CYS A 129 45.00 10.98 -23.98
N SER A 130 43.93 10.30 -23.55
CA SER A 130 43.94 8.85 -23.44
C SER A 130 44.18 8.11 -24.74
N ASN A 131 43.92 8.76 -25.87
CA ASN A 131 44.13 8.13 -27.17
C ASN A 131 45.44 8.52 -27.85
N LEU A 132 46.24 9.34 -27.16
CA LEU A 132 47.52 9.79 -27.71
C LEU A 132 48.37 8.64 -28.24
N SER A 133 48.84 8.78 -29.47
CA SER A 133 49.67 7.76 -30.09
C SER A 133 50.72 8.47 -30.94
N VAL A 134 51.74 7.72 -31.35
CA VAL A 134 52.80 8.29 -32.17
C VAL A 134 52.25 8.63 -33.55
N GLU A 135 51.10 8.06 -33.89
CA GLU A 135 50.51 8.31 -35.20
C GLU A 135 49.71 9.62 -35.23
N ASN A 136 49.15 10.01 -34.09
CA ASN A 136 48.36 11.24 -34.02
C ASN A 136 48.82 12.21 -32.93
N ALA A 137 50.04 12.04 -32.45
CA ALA A 137 50.55 12.91 -31.39
C ALA A 137 50.61 14.37 -31.83
N ALA A 138 51.21 14.62 -32.98
CA ALA A 138 51.37 15.98 -33.51
C ALA A 138 50.03 16.65 -33.79
N GLU A 139 49.13 15.93 -34.43
CA GLU A 139 47.81 16.45 -34.76
C GLU A 139 47.07 16.87 -33.49
N ILE A 140 47.07 16.00 -32.49
CA ILE A 140 46.40 16.30 -31.24
C ILE A 140 47.07 17.51 -30.59
N LEU A 141 48.39 17.58 -30.66
CA LEU A 141 49.11 18.71 -30.09
C LEU A 141 48.62 20.02 -30.70
N ILE A 142 48.55 20.06 -32.03
CA ILE A 142 48.09 21.23 -32.74
C ILE A 142 46.65 21.55 -32.35
N LEU A 143 45.86 20.49 -32.21
CA LEU A 143 44.47 20.64 -31.84
C LEU A 143 44.36 21.38 -30.51
N ALA A 144 45.21 21.02 -29.55
CA ALA A 144 45.17 21.65 -28.24
C ALA A 144 45.58 23.11 -28.29
N ASP A 145 46.39 23.48 -29.28
CA ASP A 145 46.83 24.87 -29.38
C ASP A 145 45.75 25.76 -29.99
N LEU A 146 45.03 25.24 -30.97
CA LEU A 146 43.99 25.99 -31.66
C LEU A 146 42.71 26.19 -30.83
N HIS A 147 42.56 25.40 -29.77
CA HIS A 147 41.37 25.51 -28.93
C HIS A 147 41.78 25.67 -27.49
N SER A 148 42.95 26.29 -27.29
CA SER A 148 43.52 26.55 -25.98
C SER A 148 43.18 25.52 -24.90
N ALA A 149 43.55 24.27 -25.17
CA ALA A 149 43.32 23.18 -24.23
C ALA A 149 44.66 22.88 -23.53
N ASP A 150 44.97 23.66 -22.51
CA ASP A 150 46.23 23.51 -21.79
C ASP A 150 46.64 22.11 -21.33
N GLN A 151 45.84 21.49 -20.48
CA GLN A 151 46.20 20.16 -20.00
C GLN A 151 46.51 19.19 -21.15
N LEU A 152 45.76 19.30 -22.24
CA LEU A 152 45.99 18.42 -23.36
C LEU A 152 47.34 18.72 -24.01
N LYS A 153 47.67 20.00 -24.17
CA LYS A 153 48.94 20.38 -24.80
C LYS A 153 50.10 19.81 -24.01
N THR A 154 50.12 20.07 -22.72
CA THR A 154 51.18 19.60 -21.83
C THR A 154 51.37 18.09 -21.94
N GLN A 155 50.28 17.35 -21.82
CA GLN A 155 50.36 15.90 -21.93
C GLN A 155 50.85 15.48 -23.32
N ALA A 156 50.52 16.28 -24.33
CA ALA A 156 50.93 15.98 -25.70
C ALA A 156 52.43 16.21 -25.91
N VAL A 157 52.92 17.33 -25.40
CA VAL A 157 54.34 17.67 -25.51
C VAL A 157 55.15 16.60 -24.79
N ASP A 158 54.75 16.29 -23.56
CA ASP A 158 55.42 15.27 -22.77
C ASP A 158 55.47 13.95 -23.55
N PHE A 159 54.35 13.59 -24.16
CA PHE A 159 54.28 12.35 -24.94
C PHE A 159 55.34 12.36 -26.05
N ILE A 160 55.22 13.32 -26.96
CA ILE A 160 56.17 13.45 -28.08
C ILE A 160 57.64 13.42 -27.61
N ASN A 161 57.96 14.14 -26.55
CA ASN A 161 59.34 14.16 -26.05
C ASN A 161 59.75 12.76 -25.63
N TYR A 162 59.02 12.19 -24.69
CA TYR A 162 59.30 10.85 -24.19
C TYR A 162 59.62 9.87 -25.31
N HIS A 163 58.91 9.97 -26.42
CA HIS A 163 59.14 9.09 -27.55
C HIS A 163 60.21 9.61 -28.49
N ALA A 164 61.37 9.93 -27.91
CA ALA A 164 62.49 10.46 -28.68
C ALA A 164 63.42 9.35 -29.16
N ASN B 12 44.43 8.88 -17.17
CA ASN B 12 44.23 9.45 -15.81
C ASN B 12 45.19 10.61 -15.56
N VAL B 14 44.87 13.81 -17.16
CA VAL B 14 44.14 15.06 -17.13
C VAL B 14 43.19 15.13 -15.94
N LYS B 15 43.24 16.25 -15.22
CA LYS B 15 42.38 16.45 -14.07
C LYS B 15 41.09 17.14 -14.49
N VAL B 16 39.99 16.42 -14.34
CA VAL B 16 38.68 16.93 -14.70
C VAL B 16 37.94 17.53 -13.50
N PRO B 17 37.39 18.74 -13.66
CA PRO B 17 36.66 19.42 -12.58
C PRO B 17 35.38 18.67 -12.21
N GLU B 18 34.95 18.84 -10.95
CA GLU B 18 33.72 18.20 -10.51
C GLU B 18 32.54 18.85 -11.21
N CYS B 19 31.49 18.08 -11.46
CA CYS B 19 30.30 18.61 -12.11
C CYS B 19 29.79 19.81 -11.34
N ARG B 20 29.44 20.87 -12.06
CA ARG B 20 28.94 22.03 -11.36
C ARG B 20 27.61 22.52 -11.86
N LEU B 21 26.76 21.58 -12.27
CA LEU B 21 25.42 21.89 -12.76
C LEU B 21 24.58 22.55 -11.65
N ALA B 22 24.61 21.93 -10.47
CA ALA B 22 23.86 22.43 -9.33
C ALA B 22 24.25 23.86 -8.95
N ASP B 23 25.55 24.09 -8.80
CA ASP B 23 26.03 25.42 -8.44
C ASP B 23 25.57 26.45 -9.45
N GLU B 24 25.67 26.13 -10.74
CA GLU B 24 25.29 27.08 -11.77
C GLU B 24 23.79 27.30 -11.82
N LEU B 25 23.01 26.26 -11.55
CA LEU B 25 21.57 26.43 -11.54
C LEU B 25 21.16 27.23 -10.31
N GLY B 26 21.95 27.12 -9.25
CA GLY B 26 21.67 27.88 -8.04
C GLY B 26 21.89 29.36 -8.35
N GLY B 27 22.96 29.64 -9.11
CA GLY B 27 23.24 31.01 -9.48
C GLY B 27 22.08 31.55 -10.28
N LEU B 28 21.54 30.69 -11.15
CA LEU B 28 20.41 31.08 -11.98
C LEU B 28 19.27 31.60 -11.12
N TRP B 29 18.94 30.86 -10.06
CA TRP B 29 17.89 31.23 -9.14
C TRP B 29 18.22 32.45 -8.27
N GLU B 30 19.47 32.56 -7.81
CA GLU B 30 19.89 33.67 -6.96
C GLU B 30 19.96 34.99 -7.77
N ASN B 31 20.36 34.89 -9.03
CA ASN B 31 20.48 36.10 -9.86
C ASN B 31 19.21 36.49 -10.60
N SER B 32 18.25 35.56 -10.69
CA SER B 32 16.97 35.82 -11.34
C SER B 32 17.12 36.44 -12.72
N ARG B 33 17.66 35.67 -13.65
CA ARG B 33 17.88 36.17 -15.00
C ARG B 33 16.96 35.41 -15.97
N PHE B 34 16.44 36.13 -16.95
CA PHE B 34 15.54 35.57 -17.96
C PHE B 34 14.39 34.80 -17.33
N THR B 35 13.84 35.32 -16.24
CA THR B 35 12.72 34.66 -15.56
C THR B 35 11.41 34.93 -16.31
N ASP B 36 10.47 34.00 -16.22
CA ASP B 36 9.21 34.16 -16.94
C ASP B 36 7.97 34.04 -16.09
N CYS B 37 8.14 34.00 -14.78
CA CYS B 37 6.99 33.91 -13.91
C CYS B 37 7.28 34.52 -12.56
N CYS B 38 6.21 34.80 -11.82
CA CYS B 38 6.33 35.39 -10.51
C CYS B 38 5.55 34.56 -9.51
N LEU B 39 6.17 34.27 -8.38
CA LEU B 39 5.50 33.50 -7.36
C LEU B 39 5.27 34.46 -6.19
N CYS B 40 4.01 34.71 -5.86
CA CYS B 40 3.73 35.59 -4.74
C CYS B 40 3.45 34.75 -3.50
N VAL B 41 4.30 34.93 -2.49
CA VAL B 41 4.21 34.19 -1.25
C VAL B 41 4.04 35.18 -0.11
N ALA B 42 2.88 35.13 0.52
CA ALA B 42 2.56 36.00 1.64
C ALA B 42 3.02 37.44 1.42
N GLY B 43 2.65 37.99 0.27
CA GLY B 43 3.01 39.36 -0.04
C GLY B 43 4.36 39.56 -0.69
N GLN B 44 5.24 38.57 -0.59
CA GLN B 44 6.57 38.70 -1.18
C GLN B 44 6.61 38.11 -2.60
N GLU B 45 7.30 38.79 -3.50
CA GLU B 45 7.42 38.34 -4.88
C GLU B 45 8.78 37.74 -5.24
N PHE B 46 8.76 36.59 -5.90
CA PHE B 46 9.98 35.93 -6.31
C PHE B 46 9.88 35.56 -7.78
N GLN B 47 10.86 35.97 -8.57
CA GLN B 47 10.87 35.63 -9.98
C GLN B 47 11.47 34.24 -10.08
N ALA B 48 10.99 33.45 -11.04
CA ALA B 48 11.50 32.10 -11.25
C ALA B 48 11.34 31.71 -12.72
N HIS B 49 11.63 30.45 -13.02
CA HIS B 49 11.55 29.97 -14.38
C HIS B 49 10.58 28.79 -14.48
N LYS B 50 9.53 28.96 -15.27
CA LYS B 50 8.50 27.92 -15.46
C LYS B 50 9.07 26.56 -15.83
N ALA B 51 9.93 26.55 -16.85
CA ALA B 51 10.54 25.31 -17.34
C ALA B 51 11.20 24.50 -16.23
N ILE B 52 11.97 25.16 -15.39
CA ILE B 52 12.64 24.43 -14.31
C ILE B 52 11.64 23.96 -13.24
N LEU B 53 10.73 24.84 -12.79
CA LEU B 53 9.73 24.41 -11.80
C LEU B 53 8.90 23.26 -12.36
N ALA B 54 8.56 23.36 -13.64
CA ALA B 54 7.75 22.34 -14.30
C ALA B 54 8.47 21.01 -14.43
N ALA B 55 9.76 21.05 -14.76
CA ALA B 55 10.52 19.81 -14.93
C ALA B 55 10.83 19.17 -13.59
N ARG B 56 10.67 19.96 -12.54
CA ARG B 56 11.01 19.54 -11.19
C ARG B 56 9.79 19.25 -10.29
N SER B 57 8.62 19.75 -10.65
CA SER B 57 7.42 19.51 -9.85
C SER B 57 6.19 19.26 -10.68
N PRO B 58 5.55 18.09 -10.50
CA PRO B 58 4.35 17.75 -11.25
C PRO B 58 3.24 18.76 -10.98
N VAL B 59 3.23 19.33 -9.79
CA VAL B 59 2.21 20.31 -9.43
C VAL B 59 2.41 21.61 -10.22
N PHE B 60 3.64 22.12 -10.24
CA PHE B 60 3.95 23.33 -11.00
C PHE B 60 3.76 23.03 -12.47
N SER B 61 4.15 21.83 -12.88
CA SER B 61 4.04 21.38 -14.27
C SER B 61 2.61 21.49 -14.74
N ALA B 62 1.71 20.85 -13.99
CA ALA B 62 0.27 20.84 -14.31
C ALA B 62 -0.31 22.23 -14.20
N PHE B 64 1.28 25.19 -14.73
CA PHE B 64 1.69 26.00 -15.87
C PHE B 64 1.19 25.44 -17.19
N GLU B 65 1.00 24.13 -17.25
CA GLU B 65 0.52 23.50 -18.47
C GLU B 65 -0.97 23.74 -18.70
N HIS B 66 -1.73 23.89 -17.62
CA HIS B 66 -3.17 24.11 -17.72
C HIS B 66 -3.65 25.31 -16.91
N GLU B 67 -3.52 26.51 -17.49
CA GLU B 67 -3.94 27.74 -16.82
C GLU B 67 -4.62 28.65 -17.83
N GLU B 69 -6.57 31.35 -17.32
CA GLU B 69 -6.52 32.78 -17.06
C GLU B 69 -5.22 33.51 -17.43
N GLU B 70 -5.33 34.39 -18.43
CA GLU B 70 -4.21 35.22 -18.86
C GLU B 70 -4.09 36.16 -17.68
N SER B 71 -5.26 36.56 -17.19
CA SER B 71 -5.38 37.44 -16.05
C SER B 71 -4.39 37.07 -14.94
N LYS B 72 -3.97 35.81 -14.88
CA LYS B 72 -3.03 35.40 -13.89
C LYS B 72 -1.63 35.89 -14.23
N LYS B 73 -1.40 36.08 -15.52
CA LYS B 73 -0.13 36.56 -16.01
C LYS B 73 1.12 35.87 -15.50
N ASN B 74 1.13 34.54 -15.51
CA ASN B 74 2.33 33.85 -15.03
C ASN B 74 2.58 34.25 -13.59
N ARG B 75 1.55 34.77 -12.94
CA ARG B 75 1.68 35.17 -11.56
C ARG B 75 0.95 34.13 -10.72
N VAL B 76 1.74 33.29 -10.05
CA VAL B 76 1.23 32.24 -9.21
C VAL B 76 1.29 32.65 -7.74
N GLU B 77 0.16 32.64 -7.06
CA GLU B 77 0.18 33.00 -5.65
C GLU B 77 0.09 31.77 -4.76
N ILE B 78 1.04 31.67 -3.83
CA ILE B 78 1.13 30.57 -2.89
C ILE B 78 0.76 31.07 -1.49
N ASN B 79 -0.30 30.50 -0.92
CA ASN B 79 -0.78 30.93 0.38
C ASN B 79 -0.52 29.96 1.52
N ASP B 80 -0.18 28.71 1.18
CA ASP B 80 0.04 27.69 2.19
C ASP B 80 1.49 27.37 2.53
N VAL B 81 2.39 28.34 2.43
CA VAL B 81 3.79 28.11 2.75
C VAL B 81 4.48 29.39 3.21
N GLU B 82 5.21 29.29 4.31
CA GLU B 82 5.94 30.44 4.84
C GLU B 82 7.11 30.79 3.95
N PRO B 83 7.35 32.08 3.72
CA PRO B 83 8.46 32.56 2.87
C PRO B 83 9.80 31.84 3.05
N GLU B 84 10.28 31.72 4.29
CA GLU B 84 11.56 31.06 4.49
C GLU B 84 11.56 29.60 4.07
N VAL B 85 10.42 28.94 4.24
CA VAL B 85 10.29 27.54 3.87
C VAL B 85 10.22 27.46 2.35
N PHE B 86 9.47 28.39 1.76
CA PHE B 86 9.32 28.46 0.31
C PHE B 86 10.71 28.57 -0.35
N LYS B 87 11.56 29.47 0.15
CA LYS B 87 12.89 29.66 -0.38
C LYS B 87 13.75 28.41 -0.33
N GLU B 88 13.61 27.64 0.73
CA GLU B 88 14.37 26.41 0.87
C GLU B 88 13.89 25.45 -0.21
N CYS B 91 15.32 26.42 -3.50
CA CYS B 91 16.72 26.05 -3.52
C CYS B 91 16.82 24.59 -3.91
N PHE B 92 15.96 23.75 -3.35
CA PHE B 92 15.99 22.34 -3.68
C PHE B 92 15.62 22.15 -5.17
N ILE B 93 14.57 22.83 -5.61
CA ILE B 93 14.15 22.70 -7.00
C ILE B 93 15.25 23.06 -7.99
N TYR B 94 16.00 24.13 -7.71
CA TYR B 94 17.08 24.51 -8.63
C TYR B 94 18.38 23.74 -8.45
N THR B 95 18.68 23.28 -7.24
CA THR B 95 19.96 22.62 -7.00
C THR B 95 19.94 21.21 -6.44
N GLY B 96 18.80 20.76 -5.94
CA GLY B 96 18.71 19.43 -5.36
C GLY B 96 19.22 19.38 -3.93
N LYS B 97 19.43 20.56 -3.33
CA LYS B 97 19.92 20.64 -1.96
C LYS B 97 19.03 21.50 -1.09
N ALA B 98 19.13 21.29 0.23
CA ALA B 98 18.36 22.04 1.22
C ALA B 98 19.25 22.21 2.47
N PRO B 99 20.20 23.16 2.42
CA PRO B 99 21.15 23.45 3.50
C PRO B 99 20.54 23.73 4.88
N ASN B 100 19.32 24.28 4.90
CA ASN B 100 18.69 24.61 6.16
C ASN B 100 17.50 23.75 6.52
N LEU B 101 17.49 22.51 6.02
CA LEU B 101 16.41 21.58 6.28
C LEU B 101 16.22 21.23 7.76
N ASP B 102 17.31 21.09 8.51
CA ASP B 102 17.22 20.73 9.93
C ASP B 102 16.34 21.59 10.82
N LYS B 103 16.37 22.90 10.64
CA LYS B 103 15.57 23.75 11.49
C LYS B 103 14.13 23.92 11.05
N ALA B 105 12.44 20.90 9.23
CA ALA B 105 12.04 19.58 8.72
C ALA B 105 10.55 19.36 8.58
N ASP B 106 9.79 19.63 9.63
CA ASP B 106 8.35 19.43 9.57
C ASP B 106 7.62 20.33 8.58
N ASP B 107 7.96 21.61 8.54
CA ASP B 107 7.30 22.53 7.62
C ASP B 107 7.70 22.24 6.17
N LEU B 108 8.96 21.87 5.96
CA LEU B 108 9.44 21.59 4.62
C LEU B 108 8.81 20.31 4.09
N LEU B 109 8.62 19.34 4.99
CA LEU B 109 7.99 18.08 4.63
C LEU B 109 6.62 18.35 4.01
N ALA B 110 5.83 19.17 4.70
CA ALA B 110 4.50 19.52 4.23
C ALA B 110 4.55 20.27 2.90
N ALA B 111 5.50 21.19 2.77
CA ALA B 111 5.64 21.97 1.54
C ALA B 111 6.08 21.07 0.39
N ALA B 112 7.03 20.18 0.68
CA ALA B 112 7.53 19.25 -0.34
C ALA B 112 6.38 18.32 -0.75
N ASP B 113 5.57 17.92 0.23
CA ASP B 113 4.44 17.05 -0.05
C ASP B 113 3.43 17.75 -0.97
N LYS B 114 3.06 18.96 -0.60
CA LYS B 114 2.11 19.77 -1.36
C LYS B 114 2.57 20.03 -2.81
N TYR B 115 3.88 20.12 -3.04
CA TYR B 115 4.34 20.38 -4.40
C TYR B 115 4.93 19.17 -5.08
N ALA B 116 4.68 18.00 -4.50
CA ALA B 116 5.15 16.72 -5.03
C ALA B 116 6.67 16.63 -5.27
N LEU B 117 7.46 17.22 -4.37
CA LEU B 117 8.93 17.16 -4.48
C LEU B 117 9.36 15.93 -3.68
N GLU B 118 9.19 14.76 -4.30
CA GLU B 118 9.48 13.48 -3.70
C GLU B 118 10.76 13.35 -2.89
N ARG B 119 11.91 13.62 -3.51
CA ARG B 119 13.19 13.50 -2.81
C ARG B 119 13.34 14.42 -1.59
N LEU B 120 12.85 15.65 -1.72
CA LEU B 120 12.93 16.62 -0.62
C LEU B 120 12.09 16.10 0.55
N LYS B 121 10.95 15.49 0.20
CA LYS B 121 10.03 14.91 1.18
C LYS B 121 10.72 13.83 2.01
N VAL B 122 11.46 12.95 1.33
CA VAL B 122 12.17 11.87 2.03
C VAL B 122 13.33 12.45 2.84
N CYS B 124 13.38 15.19 4.40
CA CYS B 124 12.82 15.73 5.63
C CYS B 124 12.47 14.56 6.55
N GLU B 125 12.01 13.47 5.95
CA GLU B 125 11.66 12.26 6.70
C GLU B 125 12.89 11.74 7.43
N ASP B 126 14.05 11.82 6.78
CA ASP B 126 15.30 11.36 7.36
C ASP B 126 15.70 12.21 8.58
N ALA B 127 15.53 13.52 8.47
CA ALA B 127 15.86 14.44 9.55
C ALA B 127 14.92 14.23 10.73
N LEU B 128 13.62 14.20 10.45
CA LEU B 128 12.63 13.99 11.50
C LEU B 128 12.86 12.64 12.20
N CYS B 129 13.10 11.59 11.42
CA CYS B 129 13.32 10.27 11.99
C CYS B 129 14.48 10.28 12.97
N SER B 130 15.52 11.03 12.63
CA SER B 130 16.70 11.12 13.48
C SER B 130 16.48 11.86 14.78
N ASN B 131 15.41 12.66 14.86
CA ASN B 131 15.14 13.40 16.10
C ASN B 131 14.07 12.74 16.94
N LEU B 132 13.62 11.57 16.52
CA LEU B 132 12.59 10.84 17.27
C LEU B 132 12.99 10.62 18.72
N SER B 133 12.15 11.10 19.63
CA SER B 133 12.40 10.97 21.05
C SER B 133 11.09 10.61 21.72
N VAL B 134 11.17 10.08 22.93
CA VAL B 134 9.98 9.73 23.67
C VAL B 134 9.06 10.95 23.71
N GLU B 135 9.65 12.12 23.91
CA GLU B 135 8.88 13.35 23.98
C GLU B 135 8.17 13.75 22.68
N ASN B 136 8.83 13.55 21.53
CA ASN B 136 8.23 13.98 20.26
C ASN B 136 7.63 12.91 19.37
N ALA B 137 7.90 11.64 19.67
CA ALA B 137 7.41 10.54 18.86
C ALA B 137 5.97 10.64 18.39
N ALA B 138 5.04 10.86 19.31
CA ALA B 138 3.63 10.95 18.95
C ALA B 138 3.33 12.07 17.94
N GLU B 139 3.92 13.24 18.15
CA GLU B 139 3.72 14.38 17.24
C GLU B 139 4.20 14.07 15.82
N ILE B 140 5.38 13.47 15.72
CA ILE B 140 5.95 13.12 14.43
C ILE B 140 5.14 12.09 13.67
N LEU B 141 4.58 11.12 14.39
CA LEU B 141 3.77 10.07 13.75
C LEU B 141 2.58 10.69 13.02
N ILE B 142 1.89 11.61 13.69
CA ILE B 142 0.75 12.27 13.10
C ILE B 142 1.17 13.09 11.90
N LEU B 143 2.31 13.75 12.03
CA LEU B 143 2.82 14.58 10.95
C LEU B 143 3.02 13.74 9.69
N ALA B 144 3.55 12.53 9.85
CA ALA B 144 3.80 11.67 8.70
C ALA B 144 2.50 11.17 8.04
N ASP B 145 1.42 11.13 8.81
CA ASP B 145 0.16 10.66 8.24
C ASP B 145 -0.53 11.75 7.43
N LEU B 146 -0.41 12.99 7.89
CA LEU B 146 -1.05 14.11 7.20
C LEU B 146 -0.33 14.55 5.93
N HIS B 147 0.92 14.13 5.78
CA HIS B 147 1.70 14.50 4.60
C HIS B 147 2.24 13.33 3.82
N SER B 148 1.58 12.18 3.97
CA SER B 148 1.97 10.95 3.27
C SER B 148 3.45 10.62 3.27
N ALA B 149 4.08 10.74 4.44
CA ALA B 149 5.50 10.43 4.58
C ALA B 149 5.60 8.99 5.09
N ASP B 150 5.50 8.02 4.17
CA ASP B 150 5.54 6.61 4.52
C ASP B 150 6.70 6.15 5.38
N GLN B 151 7.93 6.38 4.93
CA GLN B 151 9.07 5.94 5.71
C GLN B 151 9.09 6.54 7.11
N LEU B 152 8.68 7.80 7.22
CA LEU B 152 8.66 8.46 8.51
C LEU B 152 7.66 7.76 9.41
N LYS B 153 6.50 7.43 8.86
CA LYS B 153 5.46 6.76 9.64
C LYS B 153 5.95 5.43 10.20
N THR B 154 6.37 4.56 9.31
CA THR B 154 6.86 3.25 9.70
C THR B 154 7.92 3.32 10.79
N GLN B 155 8.82 4.29 10.69
CA GLN B 155 9.87 4.45 11.69
C GLN B 155 9.30 5.00 12.99
N ALA B 156 8.23 5.78 12.89
CA ALA B 156 7.58 6.38 14.06
C ALA B 156 6.77 5.34 14.83
N VAL B 157 6.11 4.46 14.09
CA VAL B 157 5.32 3.40 14.69
C VAL B 157 6.22 2.43 15.44
N ASP B 158 7.32 2.03 14.80
CA ASP B 158 8.26 1.10 15.42
C ASP B 158 8.80 1.71 16.71
N PHE B 159 9.30 2.94 16.63
CA PHE B 159 9.85 3.62 17.79
C PHE B 159 8.86 3.52 18.97
N ILE B 160 7.64 3.98 18.75
CA ILE B 160 6.60 3.92 19.78
C ILE B 160 6.41 2.52 20.36
N ASN B 161 6.37 1.50 19.51
CA ASN B 161 6.20 0.13 20.00
C ASN B 161 7.36 -0.25 20.90
N TYR B 162 8.56 -0.21 20.33
CA TYR B 162 9.78 -0.55 21.06
C TYR B 162 9.86 0.10 22.44
N HIS B 163 9.22 1.26 22.60
CA HIS B 163 9.26 1.94 23.88
C HIS B 163 8.10 1.63 24.79
N ALA B 164 8.00 0.35 25.13
CA ALA B 164 6.95 -0.13 26.01
C ALA B 164 7.44 -0.55 27.42
N ASN C 12 -43.58 -21.50 -2.16
CA ASN C 12 -43.32 -20.47 -1.12
C ASN C 12 -44.36 -20.56 0.00
N VAL C 14 -44.05 -23.13 2.63
CA VAL C 14 -43.44 -23.63 3.85
C VAL C 14 -42.57 -22.55 4.48
N LYS C 15 -42.71 -22.37 5.78
CA LYS C 15 -41.93 -21.36 6.50
C LYS C 15 -40.66 -21.93 7.09
N VAL C 16 -39.53 -21.52 6.53
CA VAL C 16 -38.22 -21.97 6.97
C VAL C 16 -37.64 -21.06 8.05
N PRO C 17 -37.18 -21.65 9.16
CA PRO C 17 -36.59 -20.92 10.29
C PRO C 17 -35.31 -20.20 9.89
N GLU C 18 -34.96 -19.18 10.66
CA GLU C 18 -33.75 -18.43 10.40
C GLU C 18 -32.57 -19.33 10.74
N CYS C 19 -31.45 -19.14 10.06
CA CYS C 19 -30.25 -19.93 10.32
C CYS C 19 -29.82 -19.66 11.76
N ARG C 20 -29.48 -20.71 12.49
CA ARG C 20 -29.06 -20.51 13.86
C ARG C 20 -27.70 -21.09 14.18
N LEU C 21 -26.80 -21.03 13.21
CA LEU C 21 -25.45 -21.53 13.40
C LEU C 21 -24.73 -20.74 14.49
N ALA C 22 -24.85 -19.41 14.40
CA ALA C 22 -24.22 -18.52 15.36
C ALA C 22 -24.70 -18.73 16.79
N ASP C 23 -26.01 -18.76 16.98
CA ASP C 23 -26.56 -18.96 18.33
C ASP C 23 -26.09 -20.27 18.93
N GLU C 24 -26.11 -21.34 18.14
CA GLU C 24 -25.71 -22.65 18.65
C GLU C 24 -24.23 -22.72 18.97
N LEU C 25 -23.40 -22.03 18.19
CA LEU C 25 -21.97 -22.02 18.47
C LEU C 25 -21.73 -21.19 19.71
N GLY C 26 -22.54 -20.16 19.89
CA GLY C 26 -22.43 -19.34 21.07
C GLY C 26 -22.72 -20.22 22.28
N GLY C 27 -23.72 -21.08 22.15
CA GLY C 27 -24.06 -21.99 23.22
C GLY C 27 -22.89 -22.89 23.51
N LEU C 28 -22.23 -23.34 22.44
CA LEU C 28 -21.07 -24.21 22.60
C LEU C 28 -20.04 -23.58 23.53
N TRP C 29 -19.74 -22.31 23.28
CA TRP C 29 -18.79 -21.55 24.07
C TRP C 29 -19.25 -21.27 25.50
N GLU C 30 -20.52 -20.93 25.68
CA GLU C 30 -21.04 -20.64 27.01
C GLU C 30 -21.10 -21.90 27.89
N ASN C 31 -21.38 -23.05 27.28
CA ASN C 31 -21.47 -24.30 28.04
C ASN C 31 -20.16 -25.05 28.20
N SER C 32 -19.18 -24.71 27.36
CA SER C 32 -17.86 -25.33 27.42
C SER C 32 -17.96 -26.84 27.45
N ARG C 33 -18.42 -27.43 26.36
CA ARG C 33 -18.53 -28.88 26.30
C ARG C 33 -17.53 -29.38 25.28
N PHE C 34 -16.91 -30.52 25.57
CA PHE C 34 -15.93 -31.13 24.68
C PHE C 34 -14.79 -30.17 24.34
N THR C 35 -14.30 -29.54 25.39
CA THR C 35 -13.22 -28.58 25.36
C THR C 35 -11.88 -29.33 25.27
N ASP C 36 -10.91 -28.76 24.55
CA ASP C 36 -9.62 -29.42 24.41
C ASP C 36 -8.44 -28.50 24.71
N CYS C 37 -8.73 -27.29 25.16
CA CYS C 37 -7.65 -26.37 25.50
C CYS C 37 -8.10 -25.41 26.58
N CYS C 38 -7.12 -24.82 27.23
CA CYS C 38 -7.38 -23.89 28.30
C CYS C 38 -6.65 -22.60 28.01
N LEU C 39 -7.39 -21.49 28.00
CA LEU C 39 -6.77 -20.21 27.79
C LEU C 39 -6.72 -19.53 29.15
N CYS C 40 -5.51 -19.22 29.60
CA CYS C 40 -5.30 -18.56 30.89
C CYS C 40 -5.07 -17.09 30.65
N VAL C 41 -6.00 -16.26 31.12
CA VAL C 41 -5.95 -14.82 30.95
C VAL C 41 -5.93 -14.16 32.31
N ALA C 42 -4.79 -13.57 32.67
CA ALA C 42 -4.63 -12.89 33.95
C ALA C 42 -5.09 -13.76 35.12
N GLY C 43 -4.61 -15.00 35.17
CA GLY C 43 -4.97 -15.90 36.25
C GLY C 43 -6.33 -16.56 36.10
N GLN C 44 -7.15 -16.09 35.17
CA GLN C 44 -8.46 -16.68 34.95
C GLN C 44 -8.41 -17.72 33.82
N GLU C 45 -8.93 -18.90 34.10
CA GLU C 45 -8.95 -19.96 33.11
C GLU C 45 -10.25 -20.10 32.33
N PHE C 46 -10.12 -20.29 31.02
CA PHE C 46 -11.28 -20.45 30.16
C PHE C 46 -11.09 -21.67 29.25
N GLN C 47 -12.06 -22.56 29.23
CA GLN C 47 -11.98 -23.72 28.38
C GLN C 47 -12.49 -23.31 26.99
N ALA C 48 -11.86 -23.83 25.94
CA ALA C 48 -12.27 -23.52 24.58
C ALA C 48 -11.98 -24.68 23.63
N HIS C 49 -12.10 -24.43 22.33
CA HIS C 49 -11.89 -25.47 21.32
C HIS C 49 -10.89 -25.06 20.26
N LYS C 50 -9.78 -25.79 20.17
CA LYS C 50 -8.72 -25.50 19.21
C LYS C 50 -9.18 -25.31 17.77
N ALA C 51 -9.96 -26.26 17.28
CA ALA C 51 -10.44 -26.24 15.90
C ALA C 51 -11.19 -24.97 15.55
N ILE C 52 -12.06 -24.51 16.44
CA ILE C 52 -12.81 -23.30 16.17
C ILE C 52 -11.88 -22.08 16.20
N LEU C 53 -11.06 -21.97 17.23
CA LEU C 53 -10.11 -20.84 17.33
C LEU C 53 -9.15 -20.82 16.14
N ALA C 54 -8.67 -22.00 15.75
CA ALA C 54 -7.74 -22.09 14.64
C ALA C 54 -8.39 -21.77 13.30
N ALA C 55 -9.66 -22.10 13.15
CA ALA C 55 -10.37 -21.84 11.90
C ALA C 55 -10.72 -20.36 11.72
N ARG C 56 -10.71 -19.63 12.82
CA ARG C 56 -11.07 -18.22 12.79
C ARG C 56 -9.91 -17.28 12.99
N SER C 57 -8.81 -17.79 13.54
CA SER C 57 -7.64 -16.95 13.77
C SER C 57 -6.37 -17.57 13.23
N PRO C 58 -5.72 -16.91 12.25
CA PRO C 58 -4.48 -17.44 11.67
C PRO C 58 -3.39 -17.53 12.74
N VAL C 59 -3.53 -16.73 13.80
CA VAL C 59 -2.57 -16.73 14.90
C VAL C 59 -2.79 -17.96 15.79
N PHE C 60 -4.04 -18.19 16.20
CA PHE C 60 -4.31 -19.38 17.01
C PHE C 60 -3.98 -20.59 16.15
N SER C 61 -4.28 -20.47 14.85
CA SER C 61 -4.02 -21.56 13.92
C SER C 61 -2.55 -21.96 13.91
N ALA C 62 -1.66 -20.98 13.77
CA ALA C 62 -0.23 -21.25 13.75
C ALA C 62 0.24 -21.68 15.14
N PHE C 64 -1.49 -23.39 17.55
CA PHE C 64 -1.82 -24.79 17.82
C PHE C 64 -1.15 -25.73 16.85
N GLU C 65 -0.96 -25.27 15.62
CA GLU C 65 -0.35 -26.11 14.59
C GLU C 65 1.16 -26.32 14.77
N HIS C 66 1.86 -25.29 15.23
CA HIS C 66 3.30 -25.39 15.39
C HIS C 66 3.84 -25.14 16.81
N GLU C 67 3.42 -25.93 17.79
CA GLU C 67 3.93 -25.74 19.15
C GLU C 67 4.33 -27.02 19.87
N GLU C 69 6.50 -28.48 22.79
CA GLU C 69 6.34 -28.54 24.24
C GLU C 69 4.93 -28.99 24.66
N GLU C 70 4.73 -30.29 24.86
CA GLU C 70 3.41 -30.71 25.31
C GLU C 70 3.36 -30.23 26.74
N SER C 71 4.55 -29.94 27.26
CA SER C 71 4.71 -29.44 28.61
C SER C 71 3.76 -28.26 28.82
N LYS C 72 3.17 -27.77 27.73
CA LYS C 72 2.20 -26.68 27.78
C LYS C 72 0.86 -27.32 28.13
N LYS C 73 0.58 -28.46 27.50
CA LYS C 73 -0.64 -29.22 27.71
C LYS C 73 -1.90 -28.50 27.23
N ASN C 74 -1.86 -27.94 26.02
CA ASN C 74 -3.00 -27.24 25.46
C ASN C 74 -3.38 -26.09 26.38
N ARG C 75 -2.39 -25.55 27.08
CA ARG C 75 -2.59 -24.44 27.97
C ARG C 75 -1.89 -23.22 27.38
N VAL C 76 -2.68 -22.29 26.87
CA VAL C 76 -2.15 -21.08 26.28
C VAL C 76 -2.35 -19.91 27.21
N GLU C 77 -1.27 -19.23 27.57
CA GLU C 77 -1.42 -18.10 28.47
C GLU C 77 -1.37 -16.78 27.70
N ILE C 78 -2.46 -16.03 27.82
CA ILE C 78 -2.58 -14.74 27.18
C ILE C 78 -2.25 -13.67 28.20
N ASN C 79 -1.24 -12.86 27.89
CA ASN C 79 -0.77 -11.83 28.81
C ASN C 79 -1.14 -10.43 28.38
N ASP C 80 -1.40 -10.25 27.09
CA ASP C 80 -1.69 -8.93 26.54
C ASP C 80 -3.17 -8.56 26.33
N VAL C 81 -4.08 -9.19 27.06
CA VAL C 81 -5.49 -8.88 26.90
C VAL C 81 -6.26 -9.00 28.21
N GLU C 82 -7.06 -7.99 28.51
CA GLU C 82 -7.87 -8.01 29.73
C GLU C 82 -9.03 -8.99 29.62
N PRO C 83 -9.33 -9.71 30.71
CA PRO C 83 -10.41 -10.70 30.76
C PRO C 83 -11.72 -10.32 30.07
N GLU C 84 -12.26 -9.13 30.36
CA GLU C 84 -13.52 -8.77 29.73
C GLU C 84 -13.38 -8.64 28.21
N VAL C 85 -12.26 -8.07 27.76
CA VAL C 85 -12.02 -7.90 26.34
C VAL C 85 -11.80 -9.26 25.69
N PHE C 86 -11.13 -10.16 26.41
CA PHE C 86 -10.88 -11.51 25.92
C PHE C 86 -12.23 -12.18 25.61
N LYS C 87 -13.16 -12.13 26.56
CA LYS C 87 -14.47 -12.72 26.41
C LYS C 87 -15.24 -12.20 25.20
N GLU C 88 -15.06 -10.93 24.88
CA GLU C 88 -15.76 -10.36 23.73
C GLU C 88 -15.14 -10.92 22.45
N CYS C 91 -16.43 -14.35 22.02
CA CYS C 91 -17.81 -14.28 21.55
C CYS C 91 -17.80 -14.11 20.04
N PHE C 92 -16.91 -13.23 19.57
CA PHE C 92 -16.82 -12.98 18.15
C PHE C 92 -16.33 -14.22 17.40
N ILE C 93 -15.31 -14.86 17.94
CA ILE C 93 -14.75 -16.04 17.31
C ILE C 93 -15.79 -17.14 17.17
N TYR C 94 -16.62 -17.33 18.20
CA TYR C 94 -17.63 -18.38 18.14
C TYR C 94 -18.92 -18.00 17.40
N THR C 95 -19.24 -16.72 17.34
CA THR C 95 -20.50 -16.32 16.73
C THR C 95 -20.44 -15.25 15.65
N GLY C 96 -19.32 -14.55 15.56
CA GLY C 96 -19.20 -13.50 14.57
C GLY C 96 -19.86 -12.22 15.05
N LYS C 97 -20.21 -12.18 16.33
CA LYS C 97 -20.83 -11.00 16.92
C LYS C 97 -20.04 -10.47 18.11
N ALA C 98 -20.30 -9.21 18.47
CA ALA C 98 -19.65 -8.55 19.59
C ALA C 98 -20.64 -7.55 20.20
N PRO C 99 -21.60 -8.07 20.98
CA PRO C 99 -22.66 -7.30 21.66
C PRO C 99 -22.18 -6.10 22.48
N ASN C 100 -20.98 -6.21 23.04
CA ASN C 100 -20.47 -5.13 23.88
C ASN C 100 -19.29 -4.37 23.29
N LEU C 101 -19.13 -4.46 21.98
CA LEU C 101 -18.04 -3.77 21.29
C LEU C 101 -17.99 -2.26 21.52
N ASP C 102 -19.15 -1.60 21.50
CA ASP C 102 -19.19 -0.15 21.69
C ASP C 102 -18.43 0.41 22.89
N LYS C 103 -18.51 -0.25 24.03
CA LYS C 103 -17.84 0.26 25.22
C LYS C 103 -16.37 -0.14 25.36
N ALA C 105 -14.30 -0.51 22.06
CA ALA C 105 -13.80 -0.45 20.68
C ALA C 105 -12.28 -0.42 20.53
N ASP C 106 -11.63 0.44 21.30
CA ASP C 106 -10.18 0.57 21.22
C ASP C 106 -9.38 -0.65 21.70
N ASP C 107 -9.73 -1.20 22.85
CA ASP C 107 -9.02 -2.39 23.34
C ASP C 107 -9.35 -3.61 22.49
N LEU C 108 -10.58 -3.67 22.00
CA LEU C 108 -10.98 -4.81 21.19
C LEU C 108 -10.24 -4.76 19.86
N LEU C 109 -10.08 -3.57 19.29
CA LEU C 109 -9.34 -3.43 18.03
C LEU C 109 -7.92 -3.98 18.19
N ALA C 110 -7.29 -3.65 19.31
CA ALA C 110 -5.94 -4.14 19.55
C ALA C 110 -5.96 -5.66 19.67
N ALA C 111 -6.90 -6.20 20.45
CA ALA C 111 -7.00 -7.64 20.61
C ALA C 111 -7.22 -8.31 19.25
N ALA C 112 -8.14 -7.75 18.47
CA ALA C 112 -8.45 -8.27 17.14
C ALA C 112 -7.23 -8.19 16.22
N ASP C 113 -6.49 -7.09 16.33
CA ASP C 113 -5.30 -6.91 15.52
C ASP C 113 -4.30 -8.01 15.89
N LYS C 114 -4.01 -8.11 17.18
CA LYS C 114 -3.09 -9.11 17.71
C LYS C 114 -3.43 -10.55 17.32
N TYR C 115 -4.72 -10.89 17.27
CA TYR C 115 -5.06 -12.26 16.91
C TYR C 115 -5.53 -12.42 15.48
N ALA C 116 -5.28 -11.39 14.67
CA ALA C 116 -5.64 -11.40 13.26
C ALA C 116 -7.12 -11.62 12.95
N LEU C 117 -8.01 -11.07 13.77
CA LEU C 117 -9.45 -11.21 13.54
C LEU C 117 -9.88 -10.02 12.68
N GLU C 118 -9.59 -10.13 11.38
CA GLU C 118 -9.86 -9.09 10.40
C GLU C 118 -11.22 -8.41 10.46
N ARG C 119 -12.31 -9.17 10.42
CA ARG C 119 -13.64 -8.57 10.45
C ARG C 119 -13.97 -7.84 11.76
N LEU C 120 -13.55 -8.41 12.89
CA LEU C 120 -13.80 -7.82 14.19
C LEU C 120 -13.03 -6.49 14.24
N LYS C 121 -11.85 -6.50 13.65
CA LYS C 121 -10.97 -5.35 13.56
C LYS C 121 -11.71 -4.20 12.85
N VAL C 122 -12.21 -4.47 11.64
CA VAL C 122 -12.94 -3.45 10.88
C VAL C 122 -14.20 -2.99 11.63
N CYS C 124 -14.52 -2.70 14.73
CA CYS C 124 -14.04 -1.77 15.75
C CYS C 124 -13.73 -0.45 15.08
N GLU C 125 -13.11 -0.51 13.90
CA GLU C 125 -12.77 0.68 13.15
C GLU C 125 -14.03 1.50 12.89
N ASP C 126 -15.11 0.80 12.53
CA ASP C 126 -16.38 1.46 12.26
C ASP C 126 -16.88 2.21 13.49
N ALA C 127 -16.91 1.53 14.64
CA ALA C 127 -17.37 2.14 15.88
C ALA C 127 -16.52 3.33 16.29
N LEU C 128 -15.20 3.19 16.19
CA LEU C 128 -14.29 4.26 16.55
C LEU C 128 -14.46 5.42 15.56
N CYS C 129 -14.65 5.09 14.28
CA CYS C 129 -14.84 6.10 13.25
C CYS C 129 -16.08 6.94 13.54
N SER C 130 -17.12 6.29 14.03
CA SER C 130 -18.37 6.98 14.34
C SER C 130 -18.27 7.87 15.58
N ASN C 131 -17.20 7.70 16.36
CA ASN C 131 -17.03 8.49 17.57
C ASN C 131 -16.01 9.60 17.35
N LEU C 132 -15.48 9.67 16.14
CA LEU C 132 -14.49 10.68 15.80
C LEU C 132 -14.99 12.09 16.09
N SER C 133 -14.20 12.83 16.86
CA SER C 133 -14.53 14.21 17.21
C SER C 133 -13.24 15.01 17.22
N VAL C 134 -13.36 16.32 17.10
CA VAL C 134 -12.20 17.18 17.10
C VAL C 134 -11.37 16.93 18.35
N GLU C 135 -12.04 16.40 19.36
CA GLU C 135 -11.41 16.14 20.64
C GLU C 135 -10.64 14.82 20.77
N ASN C 136 -11.04 13.79 20.04
CA ASN C 136 -10.35 12.49 20.14
C ASN C 136 -9.63 12.04 18.87
N ALA C 137 -9.84 12.75 17.77
CA ALA C 137 -9.23 12.40 16.49
C ALA C 137 -7.74 12.04 16.54
N ALA C 138 -6.96 12.86 17.22
CA ALA C 138 -5.52 12.62 17.34
C ALA C 138 -5.24 11.29 18.03
N GLU C 139 -5.93 11.04 19.14
CA GLU C 139 -5.78 9.80 19.90
C GLU C 139 -6.12 8.61 19.00
N ILE C 140 -7.26 8.70 18.32
CA ILE C 140 -7.70 7.63 17.44
C ILE C 140 -6.77 7.38 16.26
N LEU C 141 -6.28 8.45 15.63
CA LEU C 141 -5.37 8.29 14.51
C LEU C 141 -4.18 7.43 14.88
N ILE C 142 -3.55 7.76 16.01
CA ILE C 142 -2.39 6.99 16.47
C ILE C 142 -2.80 5.56 16.73
N LEU C 143 -4.00 5.39 17.28
CA LEU C 143 -4.50 4.06 17.58
C LEU C 143 -4.51 3.23 16.30
N ALA C 144 -4.99 3.83 15.22
CA ALA C 144 -5.07 3.14 13.93
C ALA C 144 -3.71 2.77 13.34
N ASP C 145 -2.67 3.52 13.68
CA ASP C 145 -1.35 3.20 13.16
C ASP C 145 -0.70 2.05 13.89
N LEU C 146 -0.86 2.03 15.21
CA LEU C 146 -0.25 0.98 16.03
C LEU C 146 -0.90 -0.39 15.84
N HIS C 147 -2.16 -0.40 15.40
CA HIS C 147 -2.87 -1.66 15.19
C HIS C 147 -3.32 -1.92 13.76
N SER C 148 -2.63 -1.30 12.82
CA SER C 148 -2.90 -1.48 11.39
C SER C 148 -4.36 -1.33 10.97
N ALA C 149 -4.97 -0.19 11.26
CA ALA C 149 -6.36 0.07 10.90
C ALA C 149 -6.43 1.01 9.68
N ASP C 150 -6.25 0.47 8.48
CA ASP C 150 -6.28 1.30 7.28
C ASP C 150 -7.54 2.15 7.17
N GLN C 151 -8.69 1.49 7.14
CA GLN C 151 -9.93 2.25 7.02
C GLN C 151 -10.08 3.30 8.12
N LEU C 152 -9.67 2.96 9.34
CA LEU C 152 -9.78 3.89 10.45
C LEU C 152 -8.83 5.07 10.26
N LYS C 153 -7.60 4.77 9.89
CA LYS C 153 -6.60 5.80 9.68
C LYS C 153 -7.06 6.80 8.62
N THR C 154 -7.33 6.30 7.43
CA THR C 154 -7.77 7.12 6.33
C THR C 154 -8.91 8.05 6.73
N GLN C 155 -9.90 7.51 7.43
CA GLN C 155 -11.03 8.32 7.88
C GLN C 155 -10.60 9.32 8.94
N ALA C 156 -9.55 8.98 9.68
CA ALA C 156 -9.03 9.85 10.73
C ALA C 156 -8.26 11.02 10.14
N VAL C 157 -7.47 10.75 9.11
CA VAL C 157 -6.69 11.77 8.43
C VAL C 157 -7.65 12.75 7.76
N ASP C 158 -8.63 12.22 7.04
CA ASP C 158 -9.61 13.05 6.36
C ASP C 158 -10.38 13.93 7.35
N PHE C 159 -10.69 13.36 8.52
CA PHE C 159 -11.43 14.11 9.55
C PHE C 159 -10.57 15.29 9.99
N ILE C 160 -9.37 14.99 10.47
CA ILE C 160 -8.45 16.02 10.92
C ILE C 160 -8.24 17.12 9.88
N ASN C 161 -7.93 16.73 8.64
CA ASN C 161 -7.73 17.72 7.59
C ASN C 161 -8.94 18.64 7.50
N TYR C 162 -10.10 18.05 7.26
CA TYR C 162 -11.34 18.81 7.15
C TYR C 162 -11.48 19.85 8.25
N HIS C 163 -11.25 19.43 9.49
CA HIS C 163 -11.38 20.34 10.63
C HIS C 163 -10.17 21.22 10.86
N ALA C 164 -9.65 21.77 9.77
CA ALA C 164 -8.50 22.66 9.86
C ALA C 164 -8.90 24.14 9.78
N ASN D 12 -22.47 4.37 7.02
CA ASN D 12 -21.32 5.16 7.55
C ASN D 12 -20.20 5.24 6.51
N VAL D 14 -16.90 3.53 7.09
CA VAL D 14 -16.11 2.30 7.12
C VAL D 14 -16.87 1.13 6.54
N LYS D 15 -16.23 0.42 5.61
CA LYS D 15 -16.83 -0.74 4.96
C LYS D 15 -16.51 -2.01 5.73
N VAL D 16 -17.54 -2.57 6.37
CA VAL D 16 -17.40 -3.80 7.14
C VAL D 16 -17.70 -5.04 6.31
N PRO D 17 -16.78 -6.00 6.31
CA PRO D 17 -16.93 -7.26 5.56
C PRO D 17 -18.15 -8.03 6.04
N GLU D 18 -18.64 -8.93 5.21
CA GLU D 18 -19.79 -9.75 5.57
C GLU D 18 -19.33 -10.80 6.59
N CYS D 19 -20.26 -11.28 7.41
CA CYS D 19 -19.92 -12.29 8.40
C CYS D 19 -19.38 -13.52 7.65
N ARG D 20 -18.33 -14.12 8.16
CA ARG D 20 -17.80 -15.28 7.49
C ARG D 20 -17.62 -16.47 8.41
N LEU D 21 -18.46 -16.55 9.42
CA LEU D 21 -18.41 -17.66 10.37
C LEU D 21 -18.68 -18.96 9.63
N ALA D 22 -19.70 -18.94 8.78
CA ALA D 22 -20.07 -20.11 8.00
C ALA D 22 -18.96 -20.58 7.07
N ASP D 23 -18.42 -19.68 6.27
CA ASP D 23 -17.35 -20.06 5.34
C ASP D 23 -16.16 -20.61 6.09
N GLU D 24 -15.86 -20.01 7.24
CA GLU D 24 -14.71 -20.48 8.00
C GLU D 24 -14.96 -21.80 8.69
N LEU D 25 -16.18 -22.04 9.17
CA LEU D 25 -16.48 -23.32 9.81
C LEU D 25 -16.49 -24.39 8.74
N GLY D 26 -16.86 -23.99 7.52
CA GLY D 26 -16.88 -24.91 6.40
C GLY D 26 -15.47 -25.37 6.07
N GLY D 27 -14.52 -24.43 6.13
CA GLY D 27 -13.13 -24.77 5.87
C GLY D 27 -12.71 -25.75 6.94
N LEU D 28 -13.14 -25.48 8.17
CA LEU D 28 -12.79 -26.34 9.29
C LEU D 28 -13.15 -27.78 8.98
N TRP D 29 -14.33 -27.97 8.40
CA TRP D 29 -14.83 -29.29 8.03
C TRP D 29 -14.11 -29.84 6.79
N GLU D 30 -13.90 -29.01 5.78
CA GLU D 30 -13.21 -29.46 4.58
C GLU D 30 -11.75 -29.85 4.84
N ASN D 31 -11.08 -29.13 5.74
CA ASN D 31 -9.66 -29.39 6.01
C ASN D 31 -9.33 -30.30 7.18
N SER D 32 -10.39 -30.77 7.85
CA SER D 32 -10.29 -31.69 8.99
C SER D 32 -9.11 -31.44 9.93
N ARG D 33 -9.12 -30.34 10.68
CA ARG D 33 -8.01 -30.15 11.60
C ARG D 33 -8.52 -30.24 13.02
N PHE D 34 -7.69 -30.78 13.89
CA PHE D 34 -8.00 -30.94 15.29
C PHE D 34 -9.31 -31.69 15.51
N THR D 35 -9.53 -32.74 14.71
CA THR D 35 -10.73 -33.54 14.84
C THR D 35 -10.58 -34.48 16.03
N ASP D 36 -11.68 -34.85 16.66
CA ASP D 36 -11.58 -35.71 17.83
C ASP D 36 -12.52 -36.90 17.75
N CYS D 37 -13.17 -37.08 16.62
CA CYS D 37 -14.06 -38.22 16.47
C CYS D 37 -14.05 -38.67 15.03
N CYS D 38 -14.44 -39.91 14.82
CA CYS D 38 -14.48 -40.48 13.49
C CYS D 38 -15.88 -41.01 13.22
N LEU D 39 -16.47 -40.57 12.12
CA LEU D 39 -17.79 -41.05 11.78
C LEU D 39 -17.61 -42.03 10.63
N CYS D 40 -18.04 -43.27 10.83
CA CYS D 40 -17.92 -44.31 9.82
C CYS D 40 -19.26 -44.50 9.13
N VAL D 41 -19.30 -44.16 7.85
CA VAL D 41 -20.50 -44.26 7.04
C VAL D 41 -20.25 -45.22 5.88
N ALA D 42 -20.92 -46.37 5.93
CA ALA D 42 -20.79 -47.39 4.90
C ALA D 42 -19.34 -47.65 4.48
N GLY D 43 -18.46 -47.84 5.46
CA GLY D 43 -17.06 -48.11 5.14
C GLY D 43 -16.19 -46.89 4.92
N GLN D 44 -16.79 -45.72 4.77
CA GLN D 44 -15.98 -44.53 4.55
C GLN D 44 -15.82 -43.76 5.87
N GLU D 45 -14.57 -43.39 6.17
CA GLU D 45 -14.29 -42.65 7.41
C GLU D 45 -14.18 -41.15 7.23
N PHE D 46 -14.90 -40.42 8.07
CA PHE D 46 -14.89 -38.96 8.03
C PHE D 46 -14.57 -38.43 9.43
N GLN D 47 -13.55 -37.59 9.51
CA GLN D 47 -13.14 -37.00 10.77
C GLN D 47 -14.02 -35.77 11.01
N ALA D 48 -14.44 -35.56 12.26
CA ALA D 48 -15.28 -34.43 12.62
C ALA D 48 -14.98 -33.96 14.04
N HIS D 49 -15.77 -33.01 14.53
CA HIS D 49 -15.55 -32.46 15.86
C HIS D 49 -16.77 -32.64 16.75
N LYS D 50 -16.58 -33.38 17.84
CA LYS D 50 -17.66 -33.65 18.80
C LYS D 50 -18.43 -32.43 19.23
N ALA D 51 -17.71 -31.41 19.66
CA ALA D 51 -18.31 -30.17 20.14
C ALA D 51 -19.28 -29.56 19.17
N ILE D 52 -18.88 -29.45 17.90
CA ILE D 52 -19.76 -28.86 16.91
C ILE D 52 -20.95 -29.76 16.64
N LEU D 53 -20.71 -31.04 16.39
CA LEU D 53 -21.84 -31.96 16.15
C LEU D 53 -22.82 -31.95 17.31
N ALA D 54 -22.30 -31.88 18.53
CA ALA D 54 -23.13 -31.87 19.74
C ALA D 54 -23.93 -30.56 19.88
N ALA D 55 -23.31 -29.44 19.56
CA ALA D 55 -23.97 -28.15 19.70
C ALA D 55 -25.04 -27.95 18.64
N ARG D 56 -24.96 -28.76 17.60
CA ARG D 56 -25.88 -28.62 16.50
C ARG D 56 -26.92 -29.74 16.37
N SER D 57 -26.71 -30.85 17.08
CA SER D 57 -27.64 -31.97 17.01
C SER D 57 -27.88 -32.62 18.36
N PRO D 58 -29.13 -32.56 18.85
CA PRO D 58 -29.47 -33.17 20.15
C PRO D 58 -29.14 -34.65 20.19
N VAL D 59 -29.13 -35.29 19.02
CA VAL D 59 -28.80 -36.71 18.96
C VAL D 59 -27.30 -36.93 19.15
N PHE D 60 -26.48 -36.22 18.37
CA PHE D 60 -25.03 -36.37 18.52
C PHE D 60 -24.64 -35.94 19.94
N SER D 61 -25.32 -34.91 20.44
CA SER D 61 -25.07 -34.39 21.78
C SER D 61 -25.26 -35.50 22.83
N ALA D 62 -26.46 -36.09 22.84
CA ALA D 62 -26.79 -37.18 23.76
C ALA D 62 -25.86 -38.36 23.56
N PHE D 64 -22.65 -38.41 22.33
CA PHE D 64 -21.32 -38.18 22.86
C PHE D 64 -21.33 -37.97 24.36
N GLU D 65 -22.42 -37.40 24.86
CA GLU D 65 -22.55 -37.12 26.28
C GLU D 65 -22.79 -38.35 27.16
N HIS D 66 -23.61 -39.28 26.69
CA HIS D 66 -23.92 -40.46 27.50
C HIS D 66 -23.60 -41.78 26.81
N GLU D 67 -22.33 -42.08 26.55
CA GLU D 67 -22.00 -43.34 25.90
C GLU D 67 -20.71 -44.00 26.39
N GLU D 69 -18.74 -47.18 26.66
CA GLU D 69 -17.73 -47.91 25.91
C GLU D 69 -16.65 -47.00 25.31
N GLU D 70 -15.56 -46.79 26.05
CA GLU D 70 -14.46 -45.96 25.56
C GLU D 70 -13.96 -46.79 24.41
N SER D 71 -14.23 -48.09 24.51
CA SER D 71 -13.85 -49.06 23.50
C SER D 71 -14.40 -48.68 22.12
N LYS D 72 -15.21 -47.63 22.07
CA LYS D 72 -15.74 -47.16 20.80
C LYS D 72 -14.64 -46.29 20.20
N LYS D 73 -13.92 -45.62 21.09
CA LYS D 73 -12.82 -44.72 20.74
C LYS D 73 -13.23 -43.52 19.91
N ASN D 74 -14.34 -42.88 20.28
CA ASN D 74 -14.81 -41.72 19.54
C ASN D 74 -15.08 -42.10 18.11
N ARG D 75 -15.41 -43.37 17.90
CA ARG D 75 -15.72 -43.87 16.57
C ARG D 75 -17.22 -44.18 16.49
N VAL D 76 -17.94 -43.34 15.76
CA VAL D 76 -19.37 -43.50 15.62
C VAL D 76 -19.73 -44.11 14.26
N GLU D 77 -20.42 -45.25 14.26
CA GLU D 77 -20.80 -45.85 13.00
C GLU D 77 -22.25 -45.52 12.65
N ILE D 78 -22.43 -44.92 11.48
CA ILE D 78 -23.73 -44.52 10.97
C ILE D 78 -24.13 -45.52 9.89
N ASN D 79 -25.27 -46.18 10.11
CA ASN D 79 -25.76 -47.20 9.19
C ASN D 79 -26.98 -46.76 8.39
N ASP D 80 -27.63 -45.69 8.86
CA ASP D 80 -28.84 -45.19 8.22
C ASP D 80 -28.74 -44.06 7.20
N VAL D 81 -27.53 -43.74 6.74
CA VAL D 81 -27.40 -42.65 5.78
C VAL D 81 -26.38 -42.93 4.68
N GLU D 82 -26.71 -42.50 3.47
CA GLU D 82 -25.84 -42.67 2.32
C GLU D 82 -24.74 -41.61 2.34
N PRO D 83 -23.49 -42.01 2.06
CA PRO D 83 -22.35 -41.09 2.06
C PRO D 83 -22.58 -39.68 1.50
N GLU D 84 -23.07 -39.57 0.26
CA GLU D 84 -23.29 -38.25 -0.30
C GLU D 84 -24.33 -37.46 0.50
N VAL D 85 -25.33 -38.15 1.03
CA VAL D 85 -26.35 -37.48 1.83
C VAL D 85 -25.75 -37.07 3.17
N PHE D 86 -24.93 -37.96 3.73
CA PHE D 86 -24.26 -37.72 5.00
C PHE D 86 -23.43 -36.43 4.90
N LYS D 87 -22.70 -36.31 3.80
CA LYS D 87 -21.87 -35.14 3.56
C LYS D 87 -22.69 -33.87 3.51
N GLU D 88 -23.88 -33.93 2.91
CA GLU D 88 -24.71 -32.74 2.83
C GLU D 88 -25.15 -32.37 4.25
N CYS D 91 -22.29 -30.76 5.92
CA CYS D 91 -22.12 -29.43 5.39
C CYS D 91 -23.08 -28.51 6.12
N PHE D 92 -24.31 -28.98 6.31
CA PHE D 92 -25.31 -28.19 7.00
C PHE D 92 -24.91 -27.93 8.46
N ILE D 93 -24.48 -28.99 9.15
CA ILE D 93 -24.08 -28.87 10.55
C ILE D 93 -22.96 -27.87 10.75
N TYR D 94 -22.00 -27.81 9.81
CA TYR D 94 -20.90 -26.88 9.98
C TYR D 94 -21.14 -25.45 9.45
N THR D 95 -22.04 -25.30 8.50
CA THR D 95 -22.25 -23.99 7.89
C THR D 95 -23.69 -23.48 7.83
N GLY D 96 -24.65 -24.36 8.05
CA GLY D 96 -26.05 -23.95 7.99
C GLY D 96 -26.62 -23.97 6.57
N LYS D 97 -25.80 -24.42 5.62
CA LYS D 97 -26.20 -24.49 4.22
C LYS D 97 -26.22 -25.91 3.66
N ALA D 98 -26.97 -26.11 2.59
CA ALA D 98 -27.09 -27.39 1.89
C ALA D 98 -27.22 -27.09 0.38
N PRO D 99 -26.10 -26.81 -0.29
CA PRO D 99 -26.02 -26.49 -1.72
C PRO D 99 -26.59 -27.54 -2.67
N ASN D 100 -26.62 -28.80 -2.26
CA ASN D 100 -27.12 -29.85 -3.13
C ASN D 100 -28.45 -30.46 -2.70
N LEU D 101 -29.11 -29.84 -1.73
CA LEU D 101 -30.40 -30.31 -1.22
C LEU D 101 -31.44 -30.64 -2.30
N ASP D 102 -31.48 -29.86 -3.38
CA ASP D 102 -32.48 -30.10 -4.43
C ASP D 102 -32.50 -31.50 -5.02
N LYS D 103 -31.34 -32.08 -5.26
CA LYS D 103 -31.32 -33.41 -5.85
C LYS D 103 -31.41 -34.56 -4.86
N ALA D 105 -33.56 -33.96 -1.64
CA ALA D 105 -34.50 -33.47 -0.62
C ALA D 105 -35.18 -34.52 0.23
N ASP D 106 -35.64 -35.59 -0.38
CA ASP D 106 -36.33 -36.64 0.38
C ASP D 106 -35.40 -37.44 1.29
N ASP D 107 -34.20 -37.77 0.83
CA ASP D 107 -33.26 -38.52 1.66
C ASP D 107 -32.67 -37.62 2.74
N LEU D 108 -32.39 -36.38 2.38
CA LEU D 108 -31.84 -35.44 3.34
C LEU D 108 -32.86 -35.20 4.46
N LEU D 109 -34.15 -35.16 4.09
CA LEU D 109 -35.22 -34.96 5.05
C LEU D 109 -35.19 -36.06 6.11
N ALA D 110 -35.04 -37.30 5.65
CA ALA D 110 -34.99 -38.44 6.56
C ALA D 110 -33.76 -38.30 7.48
N ALA D 111 -32.60 -38.04 6.90
CA ALA D 111 -31.38 -37.89 7.67
C ALA D 111 -31.51 -36.76 8.69
N ALA D 112 -32.01 -35.62 8.24
CA ALA D 112 -32.20 -34.47 9.11
C ALA D 112 -33.14 -34.83 10.26
N ASP D 113 -34.15 -35.64 9.95
CA ASP D 113 -35.12 -36.06 10.96
C ASP D 113 -34.45 -36.99 11.98
N LYS D 114 -33.69 -37.95 11.48
CA LYS D 114 -33.00 -38.89 12.34
C LYS D 114 -31.97 -38.23 13.28
N TYR D 115 -31.34 -37.15 12.83
CA TYR D 115 -30.36 -36.48 13.69
C TYR D 115 -30.88 -35.18 14.29
N ALA D 116 -32.20 -35.05 14.29
CA ALA D 116 -32.87 -33.90 14.86
C ALA D 116 -32.39 -32.52 14.38
N LEU D 117 -32.05 -32.41 13.10
CA LEU D 117 -31.60 -31.13 12.55
C LEU D 117 -32.84 -30.41 12.00
N GLU D 118 -33.62 -29.85 12.93
CA GLU D 118 -34.87 -29.16 12.65
C GLU D 118 -34.90 -28.23 11.44
N ARG D 119 -33.95 -27.32 11.32
CA ARG D 119 -33.95 -26.41 10.19
C ARG D 119 -33.67 -27.09 8.84
N LEU D 120 -32.75 -28.06 8.84
CA LEU D 120 -32.43 -28.79 7.61
C LEU D 120 -33.70 -29.55 7.16
N LYS D 121 -34.44 -30.02 8.17
CA LYS D 121 -35.69 -30.74 7.95
C LYS D 121 -36.69 -29.83 7.21
N VAL D 122 -36.94 -28.64 7.75
CA VAL D 122 -37.86 -27.70 7.13
C VAL D 122 -37.39 -27.29 5.74
N CYS D 124 -35.83 -29.06 3.63
CA CYS D 124 -36.16 -30.15 2.72
C CYS D 124 -37.66 -30.12 2.47
N GLU D 125 -38.42 -29.76 3.50
CA GLU D 125 -39.87 -29.68 3.38
C GLU D 125 -40.24 -28.64 2.32
N ASP D 126 -39.53 -27.51 2.32
CA ASP D 126 -39.79 -26.46 1.34
C ASP D 126 -39.51 -26.96 -0.09
N ALA D 127 -38.37 -27.59 -0.30
CA ALA D 127 -38.01 -28.09 -1.63
C ALA D 127 -39.01 -29.14 -2.12
N LEU D 128 -39.39 -30.06 -1.23
CA LEU D 128 -40.34 -31.10 -1.59
C LEU D 128 -41.72 -30.49 -1.86
N CYS D 129 -42.09 -29.48 -1.08
CA CYS D 129 -43.37 -28.82 -1.24
C CYS D 129 -43.48 -28.15 -2.61
N SER D 130 -42.35 -27.62 -3.08
CA SER D 130 -42.33 -26.94 -4.37
C SER D 130 -42.34 -27.88 -5.57
N ASN D 131 -42.26 -29.18 -5.33
CA ASN D 131 -42.27 -30.14 -6.44
C ASN D 131 -43.52 -31.00 -6.43
N LEU D 132 -44.49 -30.63 -5.61
CA LEU D 132 -45.75 -31.37 -5.51
C LEU D 132 -46.46 -31.40 -6.83
N SER D 133 -46.59 -32.60 -7.40
CA SER D 133 -47.26 -32.75 -8.68
C SER D 133 -48.28 -33.86 -8.55
N VAL D 134 -49.19 -33.91 -9.52
CA VAL D 134 -50.22 -34.94 -9.53
C VAL D 134 -49.57 -36.31 -9.43
N GLU D 135 -48.53 -36.52 -10.24
CA GLU D 135 -47.83 -37.80 -10.26
C GLU D 135 -47.12 -38.19 -8.96
N ASN D 136 -46.60 -37.22 -8.21
CA ASN D 136 -45.87 -37.54 -6.97
C ASN D 136 -46.52 -37.19 -5.64
N ALA D 137 -47.59 -36.39 -5.67
CA ALA D 137 -48.26 -35.97 -4.45
C ALA D 137 -48.49 -37.04 -3.36
N ALA D 138 -49.05 -38.18 -3.74
CA ALA D 138 -49.32 -39.24 -2.77
C ALA D 138 -48.05 -39.73 -2.07
N GLU D 139 -46.98 -39.83 -2.84
CA GLU D 139 -45.70 -40.31 -2.33
C GLU D 139 -45.11 -39.37 -1.27
N ILE D 140 -45.16 -38.07 -1.55
CA ILE D 140 -44.63 -37.06 -0.65
C ILE D 140 -45.37 -37.00 0.68
N LEU D 141 -46.69 -37.08 0.64
CA LEU D 141 -47.48 -37.04 1.87
C LEU D 141 -47.01 -38.10 2.86
N ILE D 142 -46.83 -39.32 2.38
CA ILE D 142 -46.39 -40.42 3.21
C ILE D 142 -45.02 -40.13 3.78
N LEU D 143 -44.14 -39.62 2.93
CA LEU D 143 -42.78 -39.28 3.35
C LEU D 143 -42.83 -38.35 4.57
N ALA D 144 -43.72 -37.36 4.53
CA ALA D 144 -43.83 -36.39 5.61
C ALA D 144 -44.35 -37.03 6.90
N ASP D 145 -45.11 -38.11 6.79
CA ASP D 145 -45.62 -38.76 7.99
C ASP D 145 -44.55 -39.60 8.67
N LEU D 146 -43.75 -40.31 7.88
CA LEU D 146 -42.69 -41.17 8.39
C LEU D 146 -41.52 -40.42 9.02
N HIS D 147 -41.35 -39.15 8.65
CA HIS D 147 -40.25 -38.36 9.19
C HIS D 147 -40.76 -37.11 9.89
N SER D 148 -42.02 -37.19 10.36
CA SER D 148 -42.68 -36.10 11.05
C SER D 148 -42.35 -34.69 10.56
N ALA D 149 -42.67 -34.45 9.30
CA ALA D 149 -42.46 -33.14 8.69
C ALA D 149 -43.84 -32.48 8.62
N ASP D 150 -44.24 -31.85 9.73
CA ASP D 150 -45.54 -31.21 9.84
C ASP D 150 -45.92 -30.28 8.68
N GLN D 151 -45.13 -29.24 8.44
CA GLN D 151 -45.47 -28.33 7.36
C GLN D 151 -45.62 -29.03 6.02
N LEU D 152 -44.76 -30.01 5.75
CA LEU D 152 -44.84 -30.72 4.49
C LEU D 152 -46.14 -31.51 4.40
N LYS D 153 -46.56 -32.11 5.51
CA LYS D 153 -47.78 -32.89 5.53
C LYS D 153 -48.98 -32.02 5.20
N THR D 154 -49.14 -30.94 5.94
CA THR D 154 -50.24 -30.02 5.74
C THR D 154 -50.32 -29.53 4.30
N GLN D 155 -49.18 -29.16 3.73
CA GLN D 155 -49.15 -28.70 2.36
C GLN D 155 -49.50 -29.81 1.38
N ALA D 156 -49.19 -31.05 1.75
CA ALA D 156 -49.48 -32.20 0.89
C ALA D 156 -50.96 -32.55 0.93
N VAL D 157 -51.59 -32.43 2.10
CA VAL D 157 -53.00 -32.72 2.25
C VAL D 157 -53.83 -31.67 1.51
N ASP D 158 -53.49 -30.40 1.69
CA ASP D 158 -54.21 -29.31 1.03
C ASP D 158 -54.08 -29.42 -0.49
N PHE D 159 -52.92 -29.85 -0.96
CA PHE D 159 -52.69 -30.00 -2.40
C PHE D 159 -53.62 -31.10 -2.91
N ILE D 160 -53.49 -32.30 -2.35
CA ILE D 160 -54.33 -33.42 -2.73
C ILE D 160 -55.82 -33.04 -2.72
N ASN D 161 -56.28 -32.43 -1.64
CA ASN D 161 -57.69 -32.02 -1.54
C ASN D 161 -58.06 -31.11 -2.70
N TYR D 162 -57.37 -29.97 -2.80
CA TYR D 162 -57.63 -29.00 -3.84
C TYR D 162 -57.80 -29.60 -5.22
N HIS D 163 -57.24 -30.80 -5.43
CA HIS D 163 -57.39 -31.45 -6.72
C HIS D 163 -58.49 -32.50 -6.74
N ALA D 164 -59.71 -32.02 -6.54
CA ALA D 164 -60.89 -32.89 -6.54
C ALA D 164 -61.31 -33.26 -7.95
#